data_5B18
#
_entry.id   5B18
#
_cell.length_a   37.149
_cell.length_b   48.699
_cell.length_c   54.151
_cell.angle_alpha   89.900
_cell.angle_beta   73.980
_cell.angle_gamma   86.690
#
_symmetry.space_group_name_H-M   'P 1'
#
loop_
_entity.id
_entity.type
_entity.pdbx_description
1 polymer Protease
2 non-polymer 'CHLORIDE ION'
3 non-polymer 'ACETATE ION'
4 water water
#
_entity_poly.entity_id   1
_entity_poly.type   'polypeptide(L)'
_entity_poly.pdbx_seq_one_letter_code
;PQITLWQRPIITIKIGGQLKEAILNTGADDTIFEEMNLPGRWKPKIVGGVGGLVKVREYEQIPIEICGRKVISTVLIGPT
PFNIIGRNVMTQLGCTLNF
;
_entity_poly.pdbx_strand_id   A,B,C,D
#
# COMPACT_ATOMS: atom_id res chain seq x y z
N PRO A 1 -18.00 -12.24 -19.37
CA PRO A 1 -19.19 -11.51 -19.80
C PRO A 1 -18.87 -10.19 -20.48
N GLN A 2 -19.92 -9.49 -20.89
CA GLN A 2 -19.79 -8.25 -21.61
C GLN A 2 -20.64 -7.31 -20.84
N ILE A 3 -20.06 -6.23 -20.34
CA ILE A 3 -20.78 -5.37 -19.42
C ILE A 3 -20.92 -4.05 -20.15
N THR A 4 -22.17 -3.58 -20.30
CA THR A 4 -22.45 -2.33 -21.06
C THR A 4 -22.43 -1.24 -20.09
N LEU A 5 -22.44 0.02 -20.57
CA LEU A 5 -22.27 1.10 -19.59
C LEU A 5 -23.41 2.09 -19.58
N TRP A 6 -24.61 1.66 -20.03
CA TRP A 6 -25.84 2.47 -19.81
C TRP A 6 -26.17 2.77 -18.40
N GLN A 7 -25.88 1.86 -17.46
CA GLN A 7 -26.00 2.18 -16.08
C GLN A 7 -24.62 1.99 -15.43
N ARG A 8 -24.45 2.43 -14.18
CA ARG A 8 -23.23 2.14 -13.44
C ARG A 8 -22.92 0.60 -13.51
N PRO A 9 -21.67 0.22 -13.82
CA PRO A 9 -21.42 -1.22 -13.94
C PRO A 9 -21.19 -1.84 -12.56
N ILE A 10 -22.28 -1.90 -11.78
CA ILE A 10 -22.21 -2.47 -10.41
C ILE A 10 -22.56 -3.96 -10.48
N ILE A 11 -21.75 -4.81 -9.86
CA ILE A 11 -21.98 -6.24 -9.92
C ILE A 11 -21.93 -6.75 -8.50
N THR A 12 -22.56 -7.92 -8.29
CA THR A 12 -22.53 -8.55 -6.96
C THR A 12 -21.37 -9.51 -6.98
N ILE A 13 -20.48 -9.42 -6.01
CA ILE A 13 -19.33 -10.32 -6.01
C ILE A 13 -19.23 -11.01 -4.67
N LYS A 14 -18.37 -12.03 -4.62
CA LYS A 14 -18.10 -12.67 -3.32
C LYS A 14 -16.67 -12.34 -2.89
N ILE A 15 -16.53 -11.74 -1.73
CA ILE A 15 -15.18 -11.29 -1.38
C ILE A 15 -14.95 -11.64 0.07
N GLY A 16 -13.80 -12.29 0.31
CA GLY A 16 -13.50 -12.89 1.60
C GLY A 16 -14.71 -13.60 2.22
N GLY A 17 -15.52 -14.31 1.42
CA GLY A 17 -16.70 -15.05 1.95
C GLY A 17 -18.02 -14.30 2.12
N GLN A 18 -18.05 -13.03 1.73
CA GLN A 18 -19.23 -12.20 1.87
C GLN A 18 -19.66 -11.68 0.48
N LEU A 19 -20.97 -11.59 0.26
CA LEU A 19 -21.52 -10.94 -0.94
C LEU A 19 -21.61 -9.42 -0.80
N LYS A 20 -21.11 -8.72 -1.81
CA LYS A 20 -21.03 -7.27 -1.76
C LYS A 20 -21.33 -6.79 -3.19
N GLU A 21 -21.90 -5.59 -3.25
CA GLU A 21 -22.01 -4.86 -4.53
C GLU A 21 -20.73 -4.12 -4.73
N ALA A 22 -20.28 -4.09 -6.00
CA ALA A 22 -19.12 -3.24 -6.27
C ALA A 22 -19.16 -2.74 -7.68
N ILE A 23 -18.48 -1.61 -7.91
CA ILE A 23 -18.50 -1.00 -9.26
C ILE A 23 -17.16 -1.33 -9.99
N LEU A 24 -17.25 -1.71 -11.26
CA LEU A 24 -16.07 -2.01 -12.12
C LEU A 24 -15.56 -0.66 -12.58
N ASN A 25 -14.41 -0.20 -12.04
CA ASN A 25 -13.99 1.22 -12.20
C ASN A 25 -12.61 1.29 -12.87
N THR A 26 -12.60 1.45 -14.20
CA THR A 26 -11.33 1.53 -14.93
C THR A 26 -10.48 2.72 -14.58
N GLY A 27 -11.08 3.69 -13.92
CA GLY A 27 -10.38 4.90 -13.37
C GLY A 27 -9.67 4.66 -12.06
N ALA A 28 -9.75 3.46 -11.48
CA ALA A 28 -9.20 3.20 -10.16
C ALA A 28 -8.06 2.18 -10.33
N ASP A 29 -6.89 2.53 -9.81
CA ASP A 29 -5.75 1.64 -9.90
C ASP A 29 -5.99 0.43 -9.00
N ASP A 30 -6.57 0.67 -7.82
CA ASP A 30 -6.66 -0.40 -6.79
C ASP A 30 -8.12 -0.74 -6.49
N THR A 31 -8.31 -1.79 -5.65
CA THR A 31 -9.62 -2.28 -5.29
C THR A 31 -9.75 -1.93 -3.81
N ILE A 32 -10.82 -1.16 -3.54
CA ILE A 32 -11.06 -0.62 -2.23
C ILE A 32 -12.52 -0.88 -1.80
N PHE A 33 -12.70 -1.44 -0.62
CA PHE A 33 -14.06 -1.63 -0.07
C PHE A 33 -14.25 -0.90 1.21
N GLU A 34 -15.50 -0.55 1.55
CA GLU A 34 -15.73 0.12 2.80
C GLU A 34 -15.50 -0.90 3.89
N GLU A 35 -15.46 -0.41 5.10
CA GLU A 35 -15.28 -1.26 6.30
C GLU A 35 -15.95 -2.65 6.25
N MET A 36 -15.13 -3.67 6.40
CA MET A 36 -15.49 -5.07 6.19
C MET A 36 -14.47 -5.79 6.99
N ASN A 37 -14.82 -6.94 7.49
CA ASN A 37 -13.75 -7.73 8.04
C ASN A 37 -13.22 -8.86 7.16
N LEU A 38 -12.09 -8.61 6.52
CA LEU A 38 -11.51 -9.57 5.60
C LEU A 38 -10.67 -10.64 6.31
N PRO A 39 -10.46 -11.78 5.66
CA PRO A 39 -9.59 -12.80 6.30
C PRO A 39 -8.10 -12.34 6.34
N GLY A 40 -7.37 -12.73 7.40
CA GLY A 40 -5.92 -12.53 7.41
C GLY A 40 -5.39 -11.30 8.08
N ARG A 41 -4.12 -11.07 7.83
CA ARG A 41 -3.49 -9.96 8.38
C ARG A 41 -3.44 -8.87 7.30
N TRP A 42 -3.15 -7.66 7.74
CA TRP A 42 -3.12 -6.48 6.84
C TRP A 42 -1.96 -5.59 7.23
N LYS A 43 -1.61 -4.60 6.38
CA LYS A 43 -0.60 -3.58 6.74
C LYS A 43 -1.16 -2.18 6.36
N PRO A 44 -0.84 -1.09 7.10
CA PRO A 44 -1.36 0.23 6.74
C PRO A 44 -0.75 0.73 5.41
N LYS A 45 -1.52 1.51 4.66
CA LYS A 45 -1.04 2.11 3.41
C LYS A 45 -1.76 3.47 3.20
N ILE A 46 -1.03 4.43 2.64
CA ILE A 46 -1.67 5.68 2.24
C ILE A 46 -1.95 5.60 0.76
N VAL A 47 -3.12 6.10 0.36
CA VAL A 47 -3.52 6.08 -1.08
C VAL A 47 -4.26 7.38 -1.29
N GLY A 48 -4.35 7.80 -2.54
CA GLY A 48 -4.97 9.07 -2.85
C GLY A 48 -6.43 9.01 -3.27
N GLY A 49 -7.21 8.16 -2.61
CA GLY A 49 -8.69 8.13 -2.81
C GLY A 49 -9.32 9.42 -2.32
N VAL A 50 -9.34 10.45 -3.18
CA VAL A 50 -9.54 11.87 -2.79
C VAL A 50 -11.00 12.35 -2.65
N GLY A 51 -11.50 12.58 -1.43
CA GLY A 51 -10.91 12.12 -0.14
C GLY A 51 -9.70 12.80 0.48
N GLY A 52 -8.86 13.41 -0.36
CA GLY A 52 -7.46 13.68 0.02
C GLY A 52 -6.72 12.36 0.21
N LEU A 53 -5.53 12.39 0.80
CA LEU A 53 -4.82 11.16 1.18
C LEU A 53 -5.54 10.47 2.35
N VAL A 54 -5.82 9.17 2.20
CA VAL A 54 -6.51 8.40 3.26
C VAL A 54 -5.66 7.20 3.68
N LYS A 55 -5.63 6.90 4.98
CA LYS A 55 -4.99 5.67 5.47
C LYS A 55 -5.94 4.49 5.25
N VAL A 56 -5.41 3.40 4.72
CA VAL A 56 -6.21 2.24 4.49
C VAL A 56 -5.56 0.98 5.09
N ARG A 57 -6.35 -0.08 5.24
CA ARG A 57 -5.78 -1.38 5.48
C ARG A 57 -5.55 -2.16 4.21
N GLU A 58 -4.30 -2.59 3.98
CA GLU A 58 -4.02 -3.40 2.83
C GLU A 58 -4.04 -4.90 3.17
N TYR A 59 -4.94 -5.68 2.55
CA TYR A 59 -4.99 -7.14 2.69
C TYR A 59 -4.50 -7.82 1.43
N GLU A 60 -3.56 -8.75 1.58
CA GLU A 60 -3.10 -9.46 0.39
C GLU A 60 -3.72 -10.85 0.31
N GLN A 61 -3.63 -11.45 -0.88
CA GLN A 61 -4.16 -12.77 -1.13
C GLN A 61 -5.63 -12.99 -0.69
N ILE A 62 -6.53 -12.09 -1.10
CA ILE A 62 -7.96 -12.21 -0.75
C ILE A 62 -8.67 -12.90 -1.88
N PRO A 63 -9.45 -13.96 -1.57
CA PRO A 63 -10.16 -14.52 -2.71
C PRO A 63 -11.39 -13.67 -3.09
N ILE A 64 -11.62 -13.61 -4.40
CA ILE A 64 -12.72 -12.84 -5.01
C ILE A 64 -13.39 -13.68 -6.09
N GLU A 65 -14.71 -13.85 -5.99
CA GLU A 65 -15.43 -14.46 -7.09
C GLU A 65 -16.32 -13.42 -7.78
N ILE A 66 -16.11 -13.26 -9.07
CA ILE A 66 -16.79 -12.23 -9.81
C ILE A 66 -17.33 -12.90 -11.07
N CYS A 67 -18.65 -12.84 -11.29
CA CYS A 67 -19.30 -13.50 -12.46
C CYS A 67 -18.80 -14.91 -12.76
N GLY A 68 -18.73 -15.76 -11.75
CA GLY A 68 -18.24 -17.10 -11.97
C GLY A 68 -16.73 -17.26 -12.03
N ARG A 69 -15.95 -16.17 -12.05
CA ARG A 69 -14.48 -16.32 -12.11
C ARG A 69 -13.83 -16.14 -10.74
N LYS A 70 -12.83 -16.97 -10.40
CA LYS A 70 -12.20 -16.84 -9.09
C LYS A 70 -10.82 -16.22 -9.20
N VAL A 71 -10.48 -15.19 -8.41
CA VAL A 71 -9.12 -14.62 -8.43
C VAL A 71 -8.67 -14.43 -7.01
N ILE A 72 -7.35 -14.30 -6.78
CA ILE A 72 -6.81 -14.04 -5.43
C ILE A 72 -6.11 -12.70 -5.55
N SER A 73 -6.51 -11.73 -4.74
CA SER A 73 -6.15 -10.34 -4.97
C SER A 73 -5.77 -9.53 -3.74
N THR A 74 -5.14 -8.37 -3.96
CA THR A 74 -4.94 -7.44 -2.88
C THR A 74 -6.15 -6.53 -2.80
N VAL A 75 -6.69 -6.30 -1.58
CA VAL A 75 -7.90 -5.42 -1.39
C VAL A 75 -7.54 -4.43 -0.32
N LEU A 76 -7.95 -3.18 -0.52
CA LEU A 76 -7.80 -2.12 0.45
C LEU A 76 -9.15 -2.00 1.16
N ILE A 77 -9.09 -1.82 2.47
CA ILE A 77 -10.24 -1.45 3.27
C ILE A 77 -10.07 -0.08 3.86
N GLY A 78 -11.01 0.83 3.57
CA GLY A 78 -10.89 2.20 4.08
C GLY A 78 -12.08 3.04 3.63
N PRO A 79 -12.04 4.35 3.87
CA PRO A 79 -13.16 5.20 3.47
C PRO A 79 -13.15 5.29 1.97
N THR A 80 -14.31 5.02 1.40
CA THR A 80 -14.54 5.09 -0.03
C THR A 80 -16.06 5.21 -0.11
N PRO A 81 -16.56 6.12 -0.97
CA PRO A 81 -18.04 6.24 -1.05
C PRO A 81 -18.73 5.04 -1.78
N PHE A 82 -17.97 4.26 -2.54
CA PHE A 82 -18.50 2.99 -2.97
CA PHE A 82 -18.43 3.06 -3.24
C PHE A 82 -17.43 1.91 -3.03
N ASN A 83 -17.89 0.68 -2.97
CA ASN A 83 -16.97 -0.42 -3.12
C ASN A 83 -16.52 -0.42 -4.60
N ILE A 84 -15.19 -0.49 -4.78
CA ILE A 84 -14.59 -0.31 -6.12
C ILE A 84 -13.71 -1.53 -6.48
N ILE A 85 -14.03 -2.19 -7.61
CA ILE A 85 -13.10 -3.16 -8.28
C ILE A 85 -12.26 -2.29 -9.26
N GLY A 86 -10.96 -2.21 -9.02
CA GLY A 86 -10.08 -1.37 -9.83
C GLY A 86 -9.21 -2.23 -10.70
N ARG A 87 -8.21 -1.62 -11.34
CA ARG A 87 -7.51 -2.32 -12.44
C ARG A 87 -6.68 -3.56 -11.98
N ASN A 88 -6.18 -3.55 -10.78
CA ASN A 88 -5.42 -4.72 -10.25
C ASN A 88 -6.24 -6.02 -10.40
N VAL A 89 -7.55 -5.98 -10.05
CA VAL A 89 -8.42 -7.12 -10.19
C VAL A 89 -8.80 -7.29 -11.64
N MET A 90 -9.09 -6.18 -12.33
CA MET A 90 -9.57 -6.34 -13.65
C MET A 90 -8.56 -7.03 -14.57
N THR A 91 -7.29 -6.68 -14.40
CA THR A 91 -6.25 -7.32 -15.20
C THR A 91 -6.19 -8.80 -14.91
N GLN A 92 -6.36 -9.19 -13.65
CA GLN A 92 -6.36 -10.65 -13.32
C GLN A 92 -7.50 -11.37 -14.00
N LEU A 93 -8.61 -10.66 -14.24
CA LEU A 93 -9.74 -11.25 -14.96
C LEU A 93 -9.55 -11.28 -16.48
N GLY A 94 -8.57 -10.53 -17.01
CA GLY A 94 -8.41 -10.32 -18.42
C GLY A 94 -9.39 -9.30 -18.99
N CYS A 95 -9.86 -8.36 -18.17
CA CYS A 95 -10.84 -7.38 -18.62
CA CYS A 95 -10.82 -7.32 -18.62
C CYS A 95 -10.22 -6.39 -19.59
N THR A 96 -10.97 -6.09 -20.66
CA THR A 96 -10.54 -4.99 -21.56
C THR A 96 -11.71 -4.06 -21.82
N LEU A 97 -11.42 -2.85 -22.32
CA LEU A 97 -12.47 -1.93 -22.81
C LEU A 97 -12.44 -2.13 -24.32
N ASN A 98 -13.63 -2.19 -24.95
CA ASN A 98 -13.75 -2.51 -26.39
C ASN A 98 -14.82 -1.64 -27.00
N PHE A 99 -14.51 -1.04 -28.13
CA PHE A 99 -15.47 -0.27 -28.92
C PHE A 99 -14.98 -0.29 -30.33
N PRO B 1 -11.33 -0.11 -30.95
CA PRO B 1 -10.14 -0.74 -30.42
C PRO B 1 -10.42 -1.48 -29.13
N GLN B 2 -9.38 -2.12 -28.61
CA GLN B 2 -9.41 -2.88 -27.36
C GLN B 2 -8.38 -2.22 -26.49
N ILE B 3 -8.81 -1.68 -25.35
CA ILE B 3 -7.90 -1.00 -24.45
C ILE B 3 -7.57 -1.92 -23.32
N THR B 4 -6.26 -2.12 -23.07
CA THR B 4 -5.81 -2.98 -21.93
C THR B 4 -5.83 -2.21 -20.67
N LEU B 5 -5.87 -2.93 -19.55
CA LEU B 5 -5.88 -2.24 -18.28
C LEU B 5 -4.65 -2.44 -17.44
N TRP B 6 -3.52 -2.87 -18.08
CA TRP B 6 -2.22 -2.96 -17.38
C TRP B 6 -1.74 -1.58 -16.99
N GLN B 7 -2.06 -0.60 -17.83
CA GLN B 7 -1.76 0.81 -17.57
C GLN B 7 -3.13 1.53 -17.40
N ARG B 8 -3.14 2.63 -16.68
CA ARG B 8 -4.26 3.55 -16.74
C ARG B 8 -4.67 3.78 -18.17
N PRO B 9 -5.97 3.65 -18.43
CA PRO B 9 -6.42 3.81 -19.80
C PRO B 9 -6.55 5.30 -20.24
N ILE B 10 -5.41 5.98 -20.37
CA ILE B 10 -5.29 7.37 -20.72
C ILE B 10 -4.97 7.40 -22.22
N ILE B 11 -5.80 8.13 -22.97
CA ILE B 11 -5.62 8.23 -24.40
C ILE B 11 -5.64 9.72 -24.79
N THR B 12 -4.99 10.00 -25.93
CA THR B 12 -5.09 11.31 -26.55
C THR B 12 -6.33 11.34 -27.44
N ILE B 13 -7.22 12.31 -27.21
CA ILE B 13 -8.45 12.53 -27.94
C ILE B 13 -8.43 13.98 -28.48
N LYS B 14 -9.35 14.29 -29.40
CA LYS B 14 -9.45 15.68 -29.87
C LYS B 14 -10.80 16.18 -29.45
N ILE B 15 -10.80 17.20 -28.62
CA ILE B 15 -12.10 17.62 -28.03
C ILE B 15 -12.37 19.08 -28.34
N GLY B 16 -13.45 19.33 -29.05
CA GLY B 16 -13.70 20.70 -29.49
C GLY B 16 -12.49 21.24 -30.22
N GLY B 17 -11.92 20.41 -31.11
CA GLY B 17 -10.71 20.76 -31.91
C GLY B 17 -9.34 20.85 -31.23
N GLN B 18 -9.25 20.47 -29.95
CA GLN B 18 -7.99 20.57 -29.24
C GLN B 18 -7.60 19.15 -28.80
N LEU B 19 -6.30 18.87 -28.82
CA LEU B 19 -5.77 17.55 -28.35
C LEU B 19 -5.59 17.57 -26.84
N LYS B 20 -6.08 16.52 -26.15
CA LYS B 20 -5.97 16.46 -24.71
C LYS B 20 -5.80 15.03 -24.30
N GLU B 21 -5.22 14.86 -23.12
CA GLU B 21 -5.18 13.47 -22.55
C GLU B 21 -6.41 13.33 -21.66
N ALA B 22 -6.97 12.11 -21.65
CA ALA B 22 -8.09 11.84 -20.73
C ALA B 22 -8.10 10.35 -20.38
N ILE B 23 -8.68 10.05 -19.22
CA ILE B 23 -8.77 8.61 -18.89
C ILE B 23 -10.17 8.09 -19.15
N LEU B 24 -10.28 6.91 -19.71
CA LEU B 24 -11.57 6.25 -19.87
C LEU B 24 -11.98 5.63 -18.57
N ASN B 25 -13.02 6.19 -17.97
CA ASN B 25 -13.30 6.00 -16.56
C ASN B 25 -14.71 5.40 -16.47
N THR B 26 -14.81 4.05 -16.35
CA THR B 26 -16.18 3.44 -16.18
C THR B 26 -16.87 3.75 -14.85
N GLY B 27 -16.12 4.25 -13.86
CA GLY B 27 -16.67 4.70 -12.58
C GLY B 27 -17.29 6.10 -12.63
N ALA B 28 -17.15 6.79 -13.77
CA ALA B 28 -17.61 8.19 -13.90
C ALA B 28 -18.87 8.28 -14.71
N ASP B 29 -19.92 8.91 -14.18
CA ASP B 29 -21.16 8.98 -15.00
C ASP B 29 -20.98 9.92 -16.20
N ASP B 30 -20.23 11.00 -15.96
CA ASP B 30 -20.20 12.14 -16.94
C ASP B 30 -18.76 12.36 -17.37
N THR B 31 -18.58 13.21 -18.38
CA THR B 31 -17.25 13.49 -18.97
C THR B 31 -16.90 14.91 -18.47
N ILE B 32 -15.74 15.07 -17.86
CA ILE B 32 -15.38 16.36 -17.19
C ILE B 32 -13.91 16.63 -17.51
N PHE B 33 -13.63 17.82 -18.01
CA PHE B 33 -12.26 18.24 -18.35
C PHE B 33 -11.89 19.48 -17.52
N GLU B 34 -10.59 19.67 -17.32
CA GLU B 34 -10.06 20.87 -16.69
C GLU B 34 -10.29 22.05 -17.56
N GLU B 35 -10.20 23.24 -16.95
CA GLU B 35 -10.40 24.46 -17.70
C GLU B 35 -9.78 24.48 -19.11
N MET B 36 -10.61 24.82 -20.08
CA MET B 36 -10.20 24.90 -21.47
C MET B 36 -11.37 25.60 -22.14
N ASN B 37 -11.16 26.11 -23.35
CA ASN B 37 -12.31 26.62 -24.08
C ASN B 37 -12.99 25.58 -24.99
N LEU B 38 -14.31 25.53 -24.96
CA LEU B 38 -15.02 24.69 -25.89
C LEU B 38 -15.89 25.59 -26.69
N PRO B 39 -16.28 25.14 -27.88
CA PRO B 39 -17.07 26.03 -28.71
C PRO B 39 -18.50 26.20 -28.18
N GLY B 40 -19.11 27.32 -28.54
CA GLY B 40 -20.55 27.54 -28.29
C GLY B 40 -20.88 27.93 -26.86
N ARG B 41 -22.16 27.73 -26.59
CA ARG B 41 -22.85 28.12 -25.37
C ARG B 41 -22.68 27.06 -24.28
N TRP B 42 -22.84 27.47 -23.02
CA TRP B 42 -22.84 26.55 -21.85
C TRP B 42 -23.81 27.05 -20.80
N LYS B 43 -24.14 26.18 -19.84
CA LYS B 43 -24.94 26.56 -18.69
C LYS B 43 -24.26 26.01 -17.46
N PRO B 44 -24.30 26.74 -16.33
CA PRO B 44 -23.69 26.26 -15.08
C PRO B 44 -24.47 25.09 -14.55
N LYS B 45 -23.76 24.19 -13.86
CA LYS B 45 -24.43 23.04 -13.31
C LYS B 45 -23.72 22.66 -12.07
N ILE B 46 -24.45 22.13 -11.08
CA ILE B 46 -23.78 21.58 -9.89
C ILE B 46 -23.68 20.07 -10.10
N VAL B 47 -22.47 19.52 -9.99
CA VAL B 47 -22.36 18.04 -10.01
C VAL B 47 -21.62 17.53 -8.81
N GLY B 48 -21.79 16.22 -8.56
CA GLY B 48 -21.23 15.57 -7.38
C GLY B 48 -19.96 14.82 -7.68
N GLY B 49 -19.63 14.70 -8.97
CA GLY B 49 -18.34 14.16 -9.40
C GLY B 49 -17.14 14.98 -8.92
N VAL B 50 -16.29 14.41 -8.06
CA VAL B 50 -16.49 13.10 -7.38
C VAL B 50 -15.96 13.22 -5.93
N GLY B 51 -15.54 14.44 -5.57
CA GLY B 51 -15.06 14.78 -4.23
C GLY B 51 -15.64 16.10 -3.74
N GLY B 52 -16.94 16.09 -3.48
CA GLY B 52 -17.65 17.28 -3.06
C GLY B 52 -18.47 17.80 -4.24
N LEU B 53 -19.40 18.69 -3.95
CA LEU B 53 -20.22 19.29 -5.02
C LEU B 53 -19.35 20.33 -5.64
N VAL B 54 -19.44 20.45 -6.96
CA VAL B 54 -18.65 21.40 -7.68
CA VAL B 54 -18.69 21.49 -7.64
C VAL B 54 -19.52 22.14 -8.71
N LYS B 55 -19.22 23.40 -8.97
CA LYS B 55 -19.87 24.08 -10.06
C LYS B 55 -19.10 23.90 -11.36
N VAL B 56 -19.78 23.49 -12.39
CA VAL B 56 -19.11 23.27 -13.67
C VAL B 56 -19.87 23.99 -14.76
N ARG B 57 -19.19 24.20 -15.87
CA ARG B 57 -19.88 24.64 -17.09
C ARG B 57 -20.23 23.45 -17.99
N GLU B 58 -21.50 23.34 -18.36
CA GLU B 58 -21.92 22.25 -19.19
C GLU B 58 -22.08 22.72 -20.63
N TYR B 59 -21.38 22.06 -21.55
CA TYR B 59 -21.43 22.40 -22.96
C TYR B 59 -22.07 21.22 -23.62
N GLU B 60 -23.15 21.45 -24.35
CA GLU B 60 -23.74 20.35 -25.16
C GLU B 60 -23.26 20.37 -26.63
N GLN B 61 -23.47 19.24 -27.32
CA GLN B 61 -23.16 19.13 -28.74
C GLN B 61 -21.66 19.35 -29.07
N ILE B 62 -20.77 18.74 -28.28
CA ILE B 62 -19.33 18.92 -28.45
C ILE B 62 -18.79 17.72 -29.23
N PRO B 63 -18.12 18.01 -30.37
CA PRO B 63 -17.47 16.97 -31.16
C PRO B 63 -16.23 16.53 -30.42
N ILE B 64 -16.11 15.21 -30.32
CA ILE B 64 -14.96 14.56 -29.68
C ILE B 64 -14.53 13.44 -30.67
N GLU B 65 -13.26 13.38 -31.00
CA GLU B 65 -12.74 12.19 -31.70
C GLU B 65 -11.87 11.38 -30.75
N ILE B 66 -12.18 10.09 -30.64
CA ILE B 66 -11.52 9.18 -29.68
C ILE B 66 -11.13 7.95 -30.44
N CYS B 67 -9.81 7.71 -30.56
CA CYS B 67 -9.31 6.49 -31.21
C CYS B 67 -9.90 6.24 -32.56
N GLY B 68 -10.05 7.29 -33.32
CA GLY B 68 -10.70 7.14 -34.60
C GLY B 68 -12.21 7.28 -34.66
N ARG B 69 -12.89 7.31 -33.53
CA ARG B 69 -14.37 7.35 -33.62
C ARG B 69 -14.84 8.77 -33.27
N LYS B 70 -15.90 9.26 -33.92
CA LYS B 70 -16.40 10.60 -33.65
CA LYS B 70 -16.40 10.60 -33.68
C LYS B 70 -17.78 10.54 -33.05
N VAL B 71 -17.93 11.22 -31.94
CA VAL B 71 -19.18 11.36 -31.26
C VAL B 71 -19.44 12.83 -31.03
N ILE B 72 -20.72 13.14 -30.74
CA ILE B 72 -21.12 14.50 -30.40
CA ILE B 72 -21.11 14.52 -30.39
C ILE B 72 -21.75 14.46 -29.01
N SER B 73 -21.12 15.11 -28.06
CA SER B 73 -21.41 14.85 -26.61
C SER B 73 -21.54 16.02 -25.71
N THR B 74 -22.09 15.76 -24.52
CA THR B 74 -22.10 16.71 -23.46
C THR B 74 -20.84 16.60 -22.62
N VAL B 75 -20.20 17.72 -22.40
CA VAL B 75 -18.92 17.78 -21.71
C VAL B 75 -19.02 18.82 -20.59
N LEU B 76 -18.51 18.48 -19.41
CA LEU B 76 -18.46 19.38 -18.28
C LEU B 76 -17.08 19.97 -18.24
N ILE B 77 -16.96 21.28 -17.93
CA ILE B 77 -15.64 21.89 -17.61
C ILE B 77 -15.64 22.41 -16.20
N GLY B 78 -14.71 21.94 -15.39
CA GLY B 78 -14.62 22.38 -14.01
C GLY B 78 -13.43 21.73 -13.36
N PRO B 79 -13.38 21.80 -12.01
CA PRO B 79 -12.39 21.20 -11.12
C PRO B 79 -12.51 19.72 -11.26
N THR B 80 -11.44 19.13 -11.79
CA THR B 80 -11.24 17.70 -11.76
C THR B 80 -9.73 17.52 -11.74
N PRO B 81 -9.22 16.54 -10.96
CA PRO B 81 -7.78 16.36 -10.92
C PRO B 81 -7.24 15.70 -12.20
N PHE B 82 -8.11 15.11 -13.04
CA PHE B 82 -7.75 14.45 -14.31
CA PHE B 82 -7.68 14.65 -14.38
C PHE B 82 -8.85 14.76 -15.33
N ASN B 83 -8.55 14.80 -16.63
CA ASN B 83 -9.65 14.85 -17.62
C ASN B 83 -10.22 13.46 -17.68
N ILE B 84 -11.56 13.37 -17.65
CA ILE B 84 -12.23 12.10 -17.51
C ILE B 84 -13.23 11.93 -18.64
N ILE B 85 -13.13 10.83 -19.40
CA ILE B 85 -14.19 10.41 -20.34
C ILE B 85 -15.10 9.41 -19.54
N GLY B 86 -16.37 9.77 -19.34
CA GLY B 86 -17.21 8.91 -18.56
C GLY B 86 -18.22 8.12 -19.38
N ARG B 87 -19.16 7.55 -18.65
CA ARG B 87 -20.09 6.64 -19.35
C ARG B 87 -20.95 7.30 -20.42
N ASN B 88 -21.27 8.61 -20.27
CA ASN B 88 -22.13 9.28 -21.31
C ASN B 88 -21.47 9.16 -22.68
N VAL B 89 -20.14 9.39 -22.78
CA VAL B 89 -19.44 9.27 -24.05
C VAL B 89 -19.18 7.78 -24.37
N MET B 90 -18.81 7.00 -23.33
CA MET B 90 -18.48 5.61 -23.62
C MET B 90 -19.67 4.89 -24.21
N THR B 91 -20.88 5.19 -23.73
CA THR B 91 -22.10 4.58 -24.33
C THR B 91 -22.24 4.98 -25.80
N GLN B 92 -21.98 6.23 -26.10
CA GLN B 92 -22.08 6.74 -27.48
C GLN B 92 -21.07 6.06 -28.35
N LEU B 93 -19.98 5.64 -27.74
CA LEU B 93 -18.95 4.94 -28.48
C LEU B 93 -19.25 3.46 -28.71
N GLY B 94 -20.21 2.90 -27.97
CA GLY B 94 -20.48 1.46 -27.95
C GLY B 94 -19.47 0.70 -27.10
N CYS B 95 -18.89 1.39 -26.10
CA CYS B 95 -17.81 0.80 -25.35
CA CYS B 95 -17.82 0.77 -25.28
C CYS B 95 -18.38 -0.18 -24.31
N THR B 96 -17.76 -1.37 -24.24
CA THR B 96 -18.09 -2.29 -23.17
C THR B 96 -16.82 -2.79 -22.45
N LEU B 97 -17.01 -3.31 -21.26
CA LEU B 97 -16.00 -4.02 -20.52
C LEU B 97 -16.27 -5.48 -20.83
N ASN B 98 -15.23 -6.20 -21.21
CA ASN B 98 -15.34 -7.62 -21.61
C ASN B 98 -14.31 -8.51 -20.88
N PHE B 99 -14.76 -9.62 -20.31
CA PHE B 99 -13.83 -10.64 -19.77
C PHE B 99 -14.39 -12.05 -19.92
N PRO C 1 10.25 12.37 19.58
CA PRO C 1 9.12 11.61 20.19
C PRO C 1 9.63 10.38 20.93
N GLN C 2 8.73 9.74 21.67
CA GLN C 2 8.99 8.48 22.33
C GLN C 2 7.95 7.56 21.72
N ILE C 3 8.43 6.49 21.11
CA ILE C 3 7.56 5.47 20.51
C ILE C 3 7.57 4.20 21.32
N THR C 4 6.37 3.84 21.74
CA THR C 4 6.17 2.65 22.54
C THR C 4 6.05 1.47 21.57
N LEU C 5 6.14 0.26 22.08
CA LEU C 5 6.25 -0.92 21.24
C LEU C 5 5.13 -1.95 21.45
N TRP C 6 3.95 -1.48 21.92
CA TRP C 6 2.81 -2.42 22.09
C TRP C 6 2.28 -2.79 20.73
N GLN C 7 2.42 -1.85 19.78
CA GLN C 7 2.02 -2.09 18.37
C GLN C 7 3.29 -2.04 17.49
N ARG C 8 3.24 -2.61 16.29
CA ARG C 8 4.34 -2.34 15.38
C ARG C 8 4.57 -0.81 15.21
N PRO C 9 5.84 -0.39 15.19
CA PRO C 9 6.14 1.05 15.27
C PRO C 9 6.08 1.67 13.85
N ILE C 10 4.85 1.82 13.34
CA ILE C 10 4.59 2.22 11.97
C ILE C 10 4.19 3.68 12.03
N ILE C 11 4.90 4.49 11.25
CA ILE C 11 4.67 5.95 11.36
C ILE C 11 4.40 6.47 9.97
N THR C 12 3.71 7.60 9.90
CA THR C 12 3.54 8.23 8.60
C THR C 12 4.80 9.11 8.38
N ILE C 13 5.44 8.95 7.23
CA ILE C 13 6.56 9.85 6.96
C ILE C 13 6.38 10.49 5.57
N LYS C 14 7.21 11.51 5.28
CA LYS C 14 7.20 12.14 3.97
C LYS C 14 8.53 11.83 3.31
N ILE C 15 8.45 11.16 2.19
CA ILE C 15 9.71 10.67 1.53
C ILE C 15 9.70 11.02 0.05
N GLY C 16 10.71 11.77 -0.38
CA GLY C 16 10.67 12.24 -1.75
C GLY C 16 9.42 13.11 -1.84
N GLY C 17 8.55 12.89 -2.82
CA GLY C 17 7.31 13.72 -2.77
C GLY C 17 6.35 13.45 -1.61
N GLN C 18 6.35 12.23 -1.13
CA GLN C 18 5.11 11.56 -0.79
C GLN C 18 4.93 11.11 0.66
N LEU C 19 3.68 11.00 1.06
CA LEU C 19 3.38 10.42 2.36
C LEU C 19 3.32 8.91 2.28
N LYS C 20 4.02 8.24 3.22
CA LYS C 20 4.01 6.80 3.24
C LYS C 20 4.00 6.33 4.70
N GLU C 21 3.54 5.10 4.89
CA GLU C 21 3.64 4.45 6.22
C GLU C 21 4.90 3.63 6.17
N ALA C 22 5.69 3.66 7.24
CA ALA C 22 6.86 2.78 7.33
C ALA C 22 7.08 2.40 8.79
N ILE C 23 7.82 1.30 8.95
CA ILE C 23 8.06 0.67 10.24
C ILE C 23 9.47 1.06 10.60
N LEU C 24 9.65 1.57 11.83
CA LEU C 24 10.93 1.85 12.40
C LEU C 24 11.56 0.51 12.85
N ASN C 25 12.56 0.01 12.12
CA ASN C 25 12.98 -1.35 12.28
C ASN C 25 14.46 -1.41 12.71
N THR C 26 14.73 -1.65 14.01
CA THR C 26 16.14 -1.64 14.46
C THR C 26 16.89 -2.89 14.03
N GLY C 27 16.15 -3.88 13.49
CA GLY C 27 16.68 -5.13 12.88
C GLY C 27 17.17 -4.93 11.42
N ALA C 28 16.93 -3.74 10.85
CA ALA C 28 17.24 -3.54 9.45
C ALA C 28 18.43 -2.57 9.33
N ASP C 29 19.49 -2.99 8.60
CA ASP C 29 20.67 -2.11 8.44
C ASP C 29 20.28 -0.87 7.58
N ASP C 30 19.45 -1.12 6.59
CA ASP C 30 19.14 -0.12 5.53
C ASP C 30 17.64 0.20 5.47
N THR C 31 17.32 1.26 4.71
CA THR C 31 15.95 1.77 4.54
C THR C 31 15.52 1.31 3.12
N ILE C 32 14.42 0.56 3.07
CA ILE C 32 13.90 0.02 1.80
C ILE C 32 12.38 0.22 1.74
N PHE C 33 11.94 0.79 0.61
CA PHE C 33 10.54 1.01 0.34
C PHE C 33 10.12 0.27 -0.88
N GLU C 34 8.83 -0.05 -0.92
CA GLU C 34 8.23 -0.71 -2.11
C GLU C 34 8.20 0.29 -3.26
N GLU C 35 7.90 -0.20 -4.45
CA GLU C 35 8.05 0.55 -5.72
C GLU C 35 7.35 1.89 -5.66
N MET C 36 8.11 2.93 -5.93
CA MET C 36 7.62 4.28 -5.89
C MET C 36 8.62 5.13 -6.64
N ASN C 37 8.14 6.25 -7.16
CA ASN C 37 9.07 7.19 -7.71
C ASN C 37 9.77 8.03 -6.62
N LEU C 38 11.09 8.19 -6.80
CA LEU C 38 11.90 9.00 -5.89
C LEU C 38 12.66 9.93 -6.81
N PRO C 39 12.94 11.16 -6.35
CA PRO C 39 13.66 12.13 -7.17
C PRO C 39 15.08 11.72 -7.56
N GLY C 40 15.49 12.10 -8.77
CA GLY C 40 16.94 12.07 -9.05
C GLY C 40 17.39 10.72 -9.56
N ARG C 41 18.70 10.53 -9.56
CA ARG C 41 19.31 9.35 -10.14
C ARG C 41 19.44 8.18 -9.14
N TRP C 42 19.54 6.96 -9.67
CA TRP C 42 19.79 5.76 -8.84
C TRP C 42 20.78 4.83 -9.49
N LYS C 43 21.32 3.90 -8.68
CA LYS C 43 22.25 2.90 -9.19
C LYS C 43 21.78 1.56 -8.68
N PRO C 44 21.92 0.47 -9.50
CA PRO C 44 21.41 -0.80 -9.03
C PRO C 44 22.30 -1.40 -7.92
N LYS C 45 21.70 -2.20 -7.04
CA LYS C 45 22.46 -2.80 -5.94
C LYS C 45 21.79 -4.10 -5.64
N ILE C 46 22.59 -5.09 -5.25
CA ILE C 46 22.09 -6.40 -4.81
C ILE C 46 22.17 -6.29 -3.29
N VAL C 47 21.04 -6.49 -2.62
CA VAL C 47 21.07 -6.60 -1.17
C VAL C 47 20.46 -7.92 -0.67
N GLY C 48 20.73 -8.21 0.60
CA GLY C 48 20.11 -9.36 1.24
C GLY C 48 18.94 -8.85 2.06
N GLY C 49 17.80 -8.63 1.39
CA GLY C 49 16.57 -8.13 2.04
C GLY C 49 16.38 -8.69 3.44
N VAL C 50 16.33 -10.02 3.51
CA VAL C 50 16.40 -10.85 4.75
C VAL C 50 15.89 -12.26 4.38
N GLY C 51 15.11 -12.32 3.31
CA GLY C 51 14.79 -13.55 2.58
C GLY C 51 15.09 -13.32 1.11
N GLY C 52 16.03 -14.08 0.55
CA GLY C 52 16.49 -13.94 -0.84
C GLY C 52 17.60 -12.91 -1.07
N LEU C 53 18.32 -13.05 -2.17
CA LEU C 53 19.16 -11.97 -2.71
C LEU C 53 18.29 -11.23 -3.71
N VAL C 54 18.27 -9.90 -3.63
CA VAL C 54 17.38 -9.13 -4.52
C VAL C 54 18.00 -7.88 -5.12
N LYS C 55 17.65 -7.63 -6.36
CA LYS C 55 18.07 -6.39 -7.01
C LYS C 55 17.15 -5.23 -6.61
N VAL C 56 17.75 -4.14 -6.15
CA VAL C 56 17.08 -2.90 -5.75
C VAL C 56 17.69 -1.65 -6.44
N ARG C 57 16.94 -0.53 -6.48
CA ARG C 57 17.49 0.74 -6.93
C ARG C 57 17.97 1.53 -5.74
N GLU C 58 19.22 1.97 -5.72
CA GLU C 58 19.68 2.79 -4.61
C GLU C 58 19.66 4.27 -4.96
N TYR C 59 18.95 5.05 -4.17
CA TYR C 59 18.94 6.52 -4.31
C TYR C 59 19.65 7.20 -3.19
N GLU C 60 20.60 8.10 -3.51
CA GLU C 60 21.21 8.85 -2.42
C GLU C 60 20.63 10.22 -2.27
N GLN C 61 20.84 10.85 -1.12
CA GLN C 61 20.46 12.22 -0.90
C GLN C 61 18.94 12.43 -1.00
N ILE C 62 18.17 11.48 -0.48
CA ILE C 62 16.74 11.60 -0.47
C ILE C 62 16.26 12.29 0.81
N PRO C 63 15.42 13.34 0.69
CA PRO C 63 14.89 14.03 1.86
C PRO C 63 13.74 13.23 2.43
N ILE C 64 13.78 13.08 3.76
CA ILE C 64 12.77 12.34 4.54
C ILE C 64 12.38 13.23 5.70
N GLU C 65 11.07 13.39 5.87
CA GLU C 65 10.53 14.01 7.04
C GLU C 65 9.81 13.01 7.92
N ILE C 66 10.26 12.93 9.16
CA ILE C 66 9.76 11.98 10.15
C ILE C 66 9.53 12.75 11.47
N CYS C 67 8.27 12.81 11.91
CA CYS C 67 7.86 13.55 13.10
C CYS C 67 8.50 14.94 13.16
N GLY C 68 8.46 15.65 12.01
CA GLY C 68 9.02 16.99 11.94
C GLY C 68 10.53 17.12 11.88
N ARG C 69 11.26 16.00 11.93
CA ARG C 69 12.73 16.05 11.75
C ARG C 69 13.06 15.77 10.29
N LYS C 70 13.90 16.61 9.68
CA LYS C 70 14.30 16.38 8.29
C LYS C 70 15.66 15.72 8.25
N VAL C 71 15.80 14.66 7.48
CA VAL C 71 17.11 14.08 7.21
C VAL C 71 17.26 13.87 5.71
N ILE C 72 18.49 13.72 5.25
CA ILE C 72 18.78 13.42 3.83
C ILE C 72 19.52 12.08 3.80
N SER C 73 18.99 11.11 3.06
CA SER C 73 19.36 9.69 3.33
C SER C 73 19.35 8.82 2.11
N THR C 74 20.09 7.70 2.17
CA THR C 74 20.07 6.72 1.13
C THR C 74 18.90 5.79 1.28
N VAL C 75 18.11 5.62 0.23
CA VAL C 75 16.92 4.81 0.29
C VAL C 75 17.01 3.79 -0.85
N LEU C 76 16.69 2.54 -0.53
CA LEU C 76 16.52 1.47 -1.49
C LEU C 76 15.04 1.38 -1.87
N ILE C 77 14.84 1.20 -3.17
CA ILE C 77 13.53 0.87 -3.69
C ILE C 77 13.59 -0.50 -4.32
N GLY C 78 12.68 -1.37 -3.90
CA GLY C 78 12.56 -2.75 -4.38
C GLY C 78 11.61 -3.66 -3.62
N PRO C 79 11.63 -4.98 -3.91
CA PRO C 79 10.73 -5.93 -3.26
C PRO C 79 11.00 -5.92 -1.76
N THR C 80 9.98 -5.56 -1.02
CA THR C 80 10.01 -5.65 0.42
C THR C 80 8.57 -5.85 0.80
N PRO C 81 8.31 -6.68 1.82
CA PRO C 81 6.95 -6.87 2.33
C PRO C 81 6.37 -5.60 2.99
N PHE C 82 7.22 -4.72 3.51
CA PHE C 82 6.72 -3.47 4.05
CA PHE C 82 6.85 -3.53 4.26
C PHE C 82 7.77 -2.41 3.85
N ASN C 83 7.35 -1.16 3.94
CA ASN C 83 8.29 -0.07 3.86
C ASN C 83 9.05 -0.06 5.23
N ILE C 84 10.39 -0.04 5.17
CA ILE C 84 11.25 -0.20 6.33
C ILE C 84 12.18 1.01 6.52
N ILE C 85 12.10 1.65 7.68
CA ILE C 85 13.11 2.59 8.06
C ILE C 85 14.14 1.86 8.90
N GLY C 86 15.38 1.82 8.40
CA GLY C 86 16.43 1.06 9.08
C GLY C 86 17.44 1.92 9.79
N ARG C 87 18.51 1.28 10.27
CA ARG C 87 19.44 2.04 11.12
C ARG C 87 20.13 3.25 10.42
N ASN C 88 20.31 3.16 9.10
CA ASN C 88 21.00 4.30 8.37
C ASN C 88 20.27 5.59 8.62
N VAL C 89 18.91 5.52 8.62
CA VAL C 89 18.16 6.74 8.87
C VAL C 89 18.03 6.97 10.38
N MET C 90 17.73 5.89 11.12
CA MET C 90 17.56 6.09 12.53
C MET C 90 18.78 6.71 13.20
N THR C 91 19.98 6.32 12.75
CA THR C 91 21.18 7.03 13.26
C THR C 91 21.18 8.54 12.97
N GLN C 92 20.76 8.93 11.78
CA GLN C 92 20.69 10.36 11.42
C GLN C 92 19.69 11.11 12.26
N LEU C 93 18.67 10.39 12.73
CA LEU C 93 17.70 10.93 13.68
C LEU C 93 18.16 11.08 15.16
N GLY C 94 19.29 10.50 15.48
CA GLY C 94 19.78 10.30 16.85
C GLY C 94 18.85 9.39 17.64
N CYS C 95 18.24 8.41 16.97
CA CYS C 95 17.33 7.47 17.60
CA CYS C 95 17.36 7.39 17.58
C CYS C 95 18.10 6.48 18.49
N THR C 96 17.55 6.27 19.71
CA THR C 96 18.08 5.22 20.60
C THR C 96 16.94 4.35 21.08
N LEU C 97 17.27 3.15 21.51
CA LEU C 97 16.36 2.26 22.24
C LEU C 97 16.64 2.46 23.71
N ASN C 98 15.60 2.82 24.45
CA ASN C 98 15.77 3.14 25.89
C ASN C 98 14.96 2.26 26.79
N PHE C 99 15.59 1.65 27.78
CA PHE C 99 14.77 1.05 28.87
C PHE C 99 15.39 1.23 30.27
N PRO D 1 19.20 1.46 30.11
CA PRO D 1 20.26 1.74 29.20
C PRO D 1 19.68 2.49 28.05
N GLN D 2 20.56 3.14 27.31
CA GLN D 2 20.20 3.88 26.12
C GLN D 2 21.07 3.41 24.99
N ILE D 3 20.49 2.64 24.05
CA ILE D 3 21.28 1.88 23.12
C ILE D 3 21.27 2.56 21.76
N THR D 4 22.47 2.81 21.21
CA THR D 4 22.57 3.58 19.98
C THR D 4 22.46 2.60 18.85
N LEU D 5 22.31 3.13 17.65
CA LEU D 5 22.09 2.21 16.47
C LEU D 5 23.15 2.34 15.38
N TRP D 6 24.34 2.87 15.71
CA TRP D 6 25.45 2.86 14.76
C TRP D 6 25.85 1.48 14.34
N GLN D 7 25.76 0.52 15.27
CA GLN D 7 25.99 -0.86 14.96
C GLN D 7 24.66 -1.60 15.26
N ARG D 8 24.49 -2.77 14.64
CA ARG D 8 23.40 -3.66 15.01
CA ARG D 8 23.38 -3.64 15.03
C ARG D 8 23.30 -3.77 16.54
N PRO D 9 22.07 -3.66 17.08
CA PRO D 9 21.91 -3.58 18.54
C PRO D 9 21.85 -5.03 19.08
N ILE D 10 23.00 -5.69 19.01
CA ILE D 10 23.20 -7.05 19.53
C ILE D 10 23.71 -7.00 20.96
N ILE D 11 23.05 -7.72 21.88
CA ILE D 11 23.44 -7.71 23.29
C ILE D 11 23.59 -9.18 23.71
N THR D 12 24.37 -9.41 24.75
CA THR D 12 24.49 -10.74 25.35
C THR D 12 23.46 -10.81 26.46
N ILE D 13 22.60 -11.82 26.42
CA ILE D 13 21.56 -11.99 27.44
C ILE D 13 21.72 -13.35 28.10
N LYS D 14 20.93 -13.60 29.15
CA LYS D 14 20.90 -14.95 29.74
C LYS D 14 19.48 -15.37 29.64
N ILE D 15 19.30 -16.47 28.95
CA ILE D 15 17.94 -16.90 28.65
C ILE D 15 17.79 -18.37 29.03
N GLY D 16 16.83 -18.67 29.89
CA GLY D 16 16.62 -20.06 30.24
C GLY D 16 17.92 -20.55 30.84
N GLY D 17 18.64 -19.64 31.46
CA GLY D 17 19.92 -19.98 32.09
C GLY D 17 21.17 -20.05 31.21
N GLN D 18 21.05 -19.79 29.90
CA GLN D 18 22.20 -19.96 28.98
C GLN D 18 22.59 -18.58 28.42
N LEU D 19 23.86 -18.34 28.17
CA LEU D 19 24.24 -17.04 27.57
C LEU D 19 24.09 -17.09 26.07
N LYS D 20 23.42 -16.08 25.52
CA LYS D 20 23.26 -16.02 24.08
C LYS D 20 23.37 -14.58 23.58
N GLU D 21 23.75 -14.45 22.30
CA GLU D 21 23.70 -13.17 21.59
C GLU D 21 22.34 -12.97 20.96
N ALA D 22 21.82 -11.76 21.05
CA ALA D 22 20.54 -11.49 20.35
C ALA D 22 20.42 -10.06 19.95
N ILE D 23 19.70 -9.86 18.85
CA ILE D 23 19.44 -8.50 18.38
C ILE D 23 18.12 -7.97 18.88
N LEU D 24 18.18 -6.73 19.40
CA LEU D 24 16.94 -5.94 19.77
C LEU D 24 16.27 -5.46 18.52
N ASN D 25 15.11 -6.03 18.18
CA ASN D 25 14.57 -5.89 16.80
C ASN D 25 13.19 -5.36 16.87
N THR D 26 13.03 -4.03 16.72
CA THR D 26 11.68 -3.48 16.77
C THR D 26 10.75 -3.87 15.61
N GLY D 27 11.33 -4.38 14.53
CA GLY D 27 10.54 -4.92 13.41
C GLY D 27 9.96 -6.34 13.70
N ALA D 28 10.29 -6.94 14.85
CA ALA D 28 9.89 -8.31 15.12
C ALA D 28 8.79 -8.30 16.22
N ASP D 29 7.69 -8.99 15.95
CA ASP D 29 6.56 -9.04 16.90
C ASP D 29 7.04 -9.91 18.07
N ASP D 30 7.75 -10.98 17.78
CA ASP D 30 8.02 -11.98 18.82
C ASP D 30 9.49 -12.15 19.03
N THR D 31 9.85 -12.91 20.06
CA THR D 31 11.23 -13.18 20.35
C THR D 31 11.48 -14.67 19.97
N ILE D 32 12.54 -14.89 19.18
CA ILE D 32 12.74 -16.19 18.53
C ILE D 32 14.24 -16.47 18.53
N PHE D 33 14.59 -17.66 19.02
CA PHE D 33 16.01 -18.11 19.05
C PHE D 33 16.18 -19.37 18.23
N GLU D 34 17.39 -19.57 17.75
CA GLU D 34 17.71 -20.81 17.04
CA GLU D 34 17.85 -20.80 17.09
C GLU D 34 17.73 -21.96 18.04
N GLU D 35 17.69 -23.17 17.49
CA GLU D 35 17.71 -24.37 18.30
C GLU D 35 18.51 -24.29 19.59
N MET D 36 17.80 -24.43 20.68
CA MET D 36 18.40 -24.57 22.00
C MET D 36 17.34 -25.28 22.84
N ASN D 37 17.78 -25.89 23.93
CA ASN D 37 16.92 -26.61 24.79
C ASN D 37 16.53 -25.72 25.91
N LEU D 38 15.33 -25.15 25.81
CA LEU D 38 14.80 -24.32 26.88
C LEU D 38 14.12 -25.13 27.99
N PRO D 39 14.07 -24.58 29.23
CA PRO D 39 13.34 -25.28 30.29
C PRO D 39 11.79 -25.28 30.11
N GLY D 40 11.14 -26.35 30.60
CA GLY D 40 9.68 -26.36 30.66
C GLY D 40 9.15 -27.02 29.46
N ARG D 41 7.83 -27.01 29.35
CA ARG D 41 7.11 -27.62 28.25
C ARG D 41 6.96 -26.60 27.10
N TRP D 42 6.62 -27.06 25.89
CA TRP D 42 6.39 -26.12 24.80
C TRP D 42 5.20 -26.58 24.04
N LYS D 43 4.61 -25.69 23.22
CA LYS D 43 3.65 -26.15 22.21
C LYS D 43 4.06 -25.68 20.82
N PRO D 44 3.63 -26.39 19.77
CA PRO D 44 3.94 -25.88 18.49
C PRO D 44 3.09 -24.65 18.12
N LYS D 45 3.68 -23.77 17.31
CA LYS D 45 3.00 -22.60 16.83
C LYS D 45 3.50 -22.29 15.41
N ILE D 46 2.65 -21.70 14.56
CA ILE D 46 3.15 -21.14 13.28
C ILE D 46 3.28 -19.64 13.44
N VAL D 47 4.42 -19.08 13.06
CA VAL D 47 4.56 -17.61 13.06
C VAL D 47 5.13 -17.16 11.73
N GLY D 48 4.93 -15.88 11.40
CA GLY D 48 5.63 -15.31 10.21
C GLY D 48 7.09 -15.12 10.63
N GLY D 49 8.04 -15.45 9.75
CA GLY D 49 9.46 -15.24 10.08
C GLY D 49 9.85 -13.88 9.53
N VAL D 50 8.83 -13.04 9.35
CA VAL D 50 8.94 -11.70 8.72
C VAL D 50 9.06 -11.82 7.18
N GLY D 51 9.61 -12.94 6.70
CA GLY D 51 9.70 -13.24 5.28
C GLY D 51 8.90 -14.49 4.92
N GLY D 52 8.88 -15.48 5.83
CA GLY D 52 8.17 -16.76 5.62
C GLY D 52 7.65 -17.47 6.88
N LEU D 53 6.65 -18.32 6.67
CA LEU D 53 6.02 -19.06 7.79
C LEU D 53 6.81 -20.26 8.22
N VAL D 54 7.04 -20.33 9.52
CA VAL D 54 7.81 -21.38 10.09
C VAL D 54 7.07 -21.94 11.31
N LYS D 55 7.21 -23.25 11.48
CA LYS D 55 6.78 -23.89 12.70
CA LYS D 55 6.77 -23.91 12.70
C LYS D 55 7.82 -23.68 13.77
N VAL D 56 7.41 -23.20 14.91
CA VAL D 56 8.32 -23.06 16.07
C VAL D 56 7.84 -23.83 17.30
N ARG D 57 8.73 -24.00 18.28
CA ARG D 57 8.29 -24.44 19.60
C ARG D 57 8.12 -23.21 20.45
N GLU D 58 6.91 -23.05 21.01
CA GLU D 58 6.62 -21.94 21.88
C GLU D 58 6.78 -22.34 23.36
N TYR D 59 7.70 -21.67 24.06
CA TYR D 59 7.88 -21.93 25.49
C TYR D 59 7.37 -20.76 26.23
N GLU D 60 6.48 -20.97 27.21
CA GLU D 60 6.08 -19.83 28.05
C GLU D 60 6.84 -19.67 29.35
N GLN D 61 6.79 -18.47 29.89
CA GLN D 61 7.29 -18.18 31.23
C GLN D 61 8.82 -18.45 31.39
N ILE D 62 9.60 -18.04 30.38
CA ILE D 62 11.08 -18.26 30.34
C ILE D 62 11.72 -17.04 30.97
N PRO D 63 12.61 -17.23 31.98
CA PRO D 63 13.28 -16.02 32.50
C PRO D 63 14.38 -15.59 31.56
N ILE D 64 14.47 -14.25 31.42
CA ILE D 64 15.54 -13.65 30.56
C ILE D 64 16.14 -12.52 31.35
N GLU D 65 17.47 -12.48 31.42
CA GLU D 65 18.19 -11.37 32.03
C GLU D 65 18.90 -10.56 30.93
N ILE D 66 18.58 -9.28 30.88
CA ILE D 66 19.00 -8.39 29.78
C ILE D 66 19.45 -7.06 30.41
N CYS D 67 20.74 -6.78 30.37
CA CYS D 67 21.28 -5.51 30.94
C CYS D 67 20.82 -5.24 32.39
N GLY D 68 20.88 -6.27 33.23
CA GLY D 68 20.52 -6.15 34.65
C GLY D 68 19.05 -6.21 34.97
N ARG D 69 18.20 -6.23 33.93
CA ARG D 69 16.74 -6.34 34.13
C ARG D 69 16.34 -7.80 33.95
N LYS D 70 15.34 -8.26 34.71
CA LYS D 70 14.87 -9.61 34.59
C LYS D 70 13.40 -9.59 34.19
N VAL D 71 13.05 -10.31 33.12
CA VAL D 71 11.66 -10.44 32.69
C VAL D 71 11.40 -11.92 32.55
N ILE D 72 10.12 -12.30 32.54
CA ILE D 72 9.68 -13.73 32.33
C ILE D 72 8.77 -13.71 31.14
N SER D 73 9.12 -14.46 30.08
CA SER D 73 8.58 -14.14 28.75
C SER D 73 8.32 -15.35 27.93
N THR D 74 7.54 -15.18 26.84
CA THR D 74 7.34 -16.21 25.92
C THR D 74 8.49 -16.18 24.86
N VAL D 75 9.09 -17.32 24.63
CA VAL D 75 10.21 -17.44 23.64
C VAL D 75 9.89 -18.52 22.62
N LEU D 76 10.08 -18.21 21.33
CA LEU D 76 9.91 -19.17 20.27
C LEU D 76 11.30 -19.73 19.93
N ILE D 77 11.34 -21.03 19.69
CA ILE D 77 12.47 -21.75 19.13
C ILE D 77 12.19 -22.29 17.76
N GLY D 78 13.00 -21.89 16.79
CA GLY D 78 12.82 -22.34 15.42
C GLY D 78 13.91 -21.81 14.49
N PRO D 79 13.82 -22.17 13.22
CA PRO D 79 14.65 -21.64 12.16
C PRO D 79 14.52 -20.11 12.13
N THR D 80 15.63 -19.46 12.41
CA THR D 80 15.77 -17.99 12.36
C THR D 80 17.23 -17.68 11.95
N PRO D 81 17.46 -16.71 11.09
CA PRO D 81 18.88 -16.52 10.77
C PRO D 81 19.67 -15.83 11.89
N PHE D 82 19.00 -15.15 12.83
CA PHE D 82 19.69 -14.70 14.02
CA PHE D 82 19.70 -14.72 14.03
C PHE D 82 18.76 -14.75 15.22
N ASN D 83 19.30 -14.77 16.44
CA ASN D 83 18.42 -14.69 17.61
C ASN D 83 17.85 -13.28 17.77
N ILE D 84 16.54 -13.19 18.03
CA ILE D 84 15.84 -11.90 18.01
C ILE D 84 15.04 -11.67 19.28
N ILE D 85 15.30 -10.56 19.97
CA ILE D 85 14.41 -10.07 21.01
C ILE D 85 13.46 -9.13 20.33
N GLY D 86 12.16 -9.47 20.42
CA GLY D 86 11.13 -8.78 19.66
C GLY D 86 10.21 -8.03 20.58
N ARG D 87 9.14 -7.44 20.04
CA ARG D 87 8.38 -6.46 20.84
C ARG D 87 7.77 -6.99 22.16
N ASN D 88 7.47 -8.30 22.17
CA ASN D 88 6.80 -8.92 23.37
C ASN D 88 7.71 -8.76 24.58
N VAL D 89 9.02 -8.96 24.41
CA VAL D 89 10.00 -8.74 25.42
C VAL D 89 10.30 -7.26 25.68
N MET D 90 10.48 -6.49 24.61
CA MET D 90 10.76 -5.09 24.81
C MET D 90 9.65 -4.37 25.55
N THR D 91 8.38 -4.77 25.34
CA THR D 91 7.29 -4.05 26.09
C THR D 91 7.35 -4.41 27.57
N GLN D 92 7.80 -5.62 27.90
CA GLN D 92 7.97 -5.98 29.37
C GLN D 92 9.11 -5.24 29.96
N LEU D 93 10.13 -4.96 29.13
CA LEU D 93 11.23 -4.09 29.61
C LEU D 93 10.88 -2.65 29.72
N GLY D 94 9.77 -2.22 29.12
CA GLY D 94 9.42 -0.78 28.99
C GLY D 94 10.33 -0.04 27.99
N CYS D 95 10.73 -0.78 26.95
CA CYS D 95 11.71 -0.35 25.96
C CYS D 95 10.97 0.55 24.97
N THR D 96 11.50 1.74 24.70
CA THR D 96 10.95 2.67 23.65
C THR D 96 12.01 3.08 22.65
N LEU D 97 11.61 3.53 21.47
CA LEU D 97 12.51 4.25 20.55
C LEU D 97 12.39 5.74 20.83
N ASN D 98 13.51 6.44 20.82
CA ASN D 98 13.44 7.85 21.22
C ASN D 98 14.30 8.62 20.26
N PHE D 99 13.78 9.74 19.76
CA PHE D 99 14.62 10.63 19.00
C PHE D 99 14.07 12.03 19.14
#